data_3M9N
#
_entry.id   3M9N
#
_cell.length_a   98.227
_cell.length_b   103.233
_cell.length_c   52.259
_cell.angle_alpha   90.00
_cell.angle_beta   90.00
_cell.angle_gamma   90.00
#
_symmetry.space_group_name_H-M   'P 21 21 2'
#
loop_
_entity.id
_entity.type
_entity.pdbx_description
1 polymer 'DNA polymerase IV'
2 polymer "DNA (5'-D(*GP*GP*GP*GP*AP*AP*GP*GP*AP*AP*AP*GP*C)-3')"
3 polymer "DNA (5'-D(*TP*CP*TP*GP*GP*CP*TP*TP*TP*CP*CP*TP*TP*CP*CP*CP*CP*C)-3')"
4 non-polymer 'CALCIUM ION'
5 non-polymer "CYTIDINE-5'-TRIPHOSPHATE"
6 non-polymer Cisplatin
7 water water
#
loop_
_entity_poly.entity_id
_entity_poly.type
_entity_poly.pdbx_seq_one_letter_code
_entity_poly.pdbx_strand_id
1 'polypeptide(L)'
;MIVLFVDFDYFYAQVEEVLNPSLKGKPVVVCVFSGRFEDSGAVATANYEARKFGVKAGIPIVEAKKILPNAVYLPMRKEV
YQQVSSRIMNLLREYSEKIEIASIDEAYLDISDKVRDYREAYNLGLEIKNKILEKEKITVTVGISKNKVFAKIAADMAKP
NGIKVIDDEEVKRLIRELDIADVPGIGNITAEKLKKLGINKLVDTLSIEFDKLKGMIGEAKAKYLISLARDEYNEPIRTR
VRKSIGRIVTMKRNSRNLEEIKPYLFRAIEESYYKLDKRIPKAIHVVAVTEDLDIVSRGRTFPHGISKETAYSESVKLLQ
KILEEDERKIRRIGVRFSKFIEAIGLDKFFDT
;
B
2 'polydeoxyribonucleotide' (DG)(DG)(DG)(DG)(DA)(DA)(DG)(DG)(DA)(DA)(DA)(DG)(DC) P
3 'polydeoxyribonucleotide' (DT)(DC)(DT)(DG)(DG)(DC)(DT)(DT)(DT)(DC)(DC)(DT)(DT)(DC)(DC)(DC)(DC)(DC) T
#
loop_
_chem_comp.id
_chem_comp.type
_chem_comp.name
_chem_comp.formula
CA non-polymer 'CALCIUM ION' 'Ca 2'
CPT non-polymer Cisplatin 'Cl2 H6 N2 Pt'
CTP non-polymer CYTIDINE-5'-TRIPHOSPHATE 'C9 H16 N3 O14 P3'
DA DNA linking 2'-DEOXYADENOSINE-5'-MONOPHOSPHATE 'C10 H14 N5 O6 P'
DC DNA linking 2'-DEOXYCYTIDINE-5'-MONOPHOSPHATE 'C9 H14 N3 O7 P'
DG DNA linking 2'-DEOXYGUANOSINE-5'-MONOPHOSPHATE 'C10 H14 N5 O7 P'
DT DNA linking THYMIDINE-5'-MONOPHOSPHATE 'C10 H15 N2 O8 P'
#
# COMPACT_ATOMS: atom_id res chain seq x y z
N MET A 1 -2.88 -10.21 23.45
CA MET A 1 -2.01 -10.01 22.26
C MET A 1 -1.11 -8.80 22.46
N ILE A 2 0.12 -8.92 21.99
CA ILE A 2 1.07 -7.82 22.01
C ILE A 2 1.54 -7.86 20.58
N VAL A 3 1.16 -6.85 19.81
CA VAL A 3 1.52 -6.79 18.41
C VAL A 3 2.58 -5.73 18.20
N LEU A 4 3.62 -6.10 17.45
CA LEU A 4 4.70 -5.16 17.15
C LEU A 4 4.67 -4.93 15.65
N PHE A 5 4.45 -3.68 15.26
CA PHE A 5 4.35 -3.27 13.87
C PHE A 5 5.59 -2.48 13.42
N VAL A 6 6.14 -2.84 12.26
CA VAL A 6 7.31 -2.16 11.72
C VAL A 6 6.93 -1.48 10.41
N ASP A 7 7.33 -0.21 10.26
CA ASP A 7 7.02 0.58 9.09
C ASP A 7 8.32 1.33 8.73
N PHE A 8 8.94 0.98 7.60
CA PHE A 8 10.22 1.59 7.18
C PHE A 8 10.11 3.09 6.85
N ASP A 9 11.04 3.91 7.32
CA ASP A 9 10.96 5.36 7.05
C ASP A 9 11.25 5.79 5.59
N TYR A 10 10.47 6.74 5.08
CA TYR A 10 10.62 7.29 3.72
C TYR A 10 11.25 6.23 2.85
N PHE A 11 10.68 5.03 2.89
CA PHE A 11 11.31 3.89 2.23
C PHE A 11 12.02 4.01 0.90
N TYR A 12 11.34 4.32 -0.21
CA TYR A 12 12.03 4.38 -1.50
C TYR A 12 13.17 5.41 -1.50
N ALA A 13 12.89 6.58 -0.94
CA ALA A 13 13.88 7.64 -0.89
C ALA A 13 15.05 7.24 0.00
N GLN A 14 14.76 6.58 1.12
CA GLN A 14 15.82 6.17 2.03
C GLN A 14 16.73 5.14 1.36
N VAL A 15 16.13 4.21 0.63
CA VAL A 15 16.95 3.21 -0.07
C VAL A 15 17.92 3.90 -1.03
N GLU A 16 17.43 4.91 -1.75
CA GLU A 16 18.29 5.62 -2.68
C GLU A 16 19.45 6.29 -1.92
N GLU A 17 19.15 6.78 -0.71
CA GLU A 17 20.17 7.44 0.13
C GLU A 17 21.20 6.43 0.59
N VAL A 18 20.76 5.21 0.90
CA VAL A 18 21.69 4.17 1.34
C VAL A 18 22.62 3.78 0.19
N LEU A 19 22.09 3.74 -1.03
CA LEU A 19 22.91 3.42 -2.19
C LEU A 19 23.77 4.59 -2.66
N ASN A 20 23.38 5.80 -2.30
CA ASN A 20 24.14 7.00 -2.64
C ASN A 20 24.09 7.98 -1.47
N PRO A 21 24.93 7.74 -0.44
CA PRO A 21 25.04 8.53 0.78
C PRO A 21 25.20 10.03 0.58
N SER A 22 25.72 10.44 -0.57
CA SER A 22 25.89 11.88 -0.82
C SER A 22 24.53 12.58 -0.86
N LEU A 23 23.46 11.81 -1.04
CA LEU A 23 22.10 12.36 -1.07
C LEU A 23 21.62 12.79 0.31
N LYS A 24 22.24 12.23 1.35
CA LYS A 24 21.84 12.57 2.72
C LYS A 24 21.80 14.07 2.95
N GLY A 25 20.71 14.54 3.55
CA GLY A 25 20.57 15.95 3.84
C GLY A 25 19.97 16.78 2.72
N LYS A 26 19.80 16.20 1.55
CA LYS A 26 19.23 16.92 0.41
C LYS A 26 17.81 16.44 0.15
N PRO A 27 16.95 17.31 -0.41
CA PRO A 27 15.58 16.86 -0.67
C PRO A 27 15.66 15.88 -1.84
N VAL A 28 15.11 14.68 -1.64
CA VAL A 28 15.13 13.64 -2.67
C VAL A 28 13.69 13.25 -2.98
N VAL A 29 13.39 13.21 -4.27
CA VAL A 29 12.04 12.89 -4.75
C VAL A 29 12.07 11.70 -5.73
N VAL A 30 11.42 10.60 -5.37
CA VAL A 30 11.35 9.41 -6.22
C VAL A 30 10.12 9.56 -7.11
N CYS A 31 10.33 9.55 -8.41
CA CYS A 31 9.24 9.76 -9.36
C CYS A 31 8.83 8.58 -10.23
N VAL A 32 7.56 8.59 -10.62
CA VAL A 32 7.00 7.59 -11.51
C VAL A 32 6.69 8.34 -12.81
N PHE A 33 7.67 8.32 -13.72
CA PHE A 33 7.55 8.98 -15.00
C PHE A 33 6.68 8.12 -15.92
N SER A 34 5.55 8.68 -16.38
CA SER A 34 4.64 7.92 -17.25
C SER A 34 4.98 7.98 -18.75
N GLY A 35 5.87 8.90 -19.12
CA GLY A 35 6.28 8.99 -20.52
C GLY A 35 5.41 9.75 -21.50
N ARG A 36 4.33 10.36 -21.03
CA ARG A 36 3.44 11.11 -21.92
C ARG A 36 4.03 12.44 -22.35
N PHE A 37 4.81 13.04 -21.47
CA PHE A 37 5.45 14.31 -21.78
C PHE A 37 6.52 14.60 -20.74
N GLU A 38 7.27 15.69 -20.93
CA GLU A 38 8.33 16.06 -20.01
C GLU A 38 7.81 16.14 -18.57
N ASP A 39 8.29 15.23 -17.74
CA ASP A 39 7.93 15.18 -16.33
C ASP A 39 6.49 14.75 -16.04
N SER A 40 5.80 14.16 -17.01
CA SER A 40 4.45 13.71 -16.75
C SER A 40 4.63 12.55 -15.77
N GLY A 41 3.67 12.37 -14.88
CA GLY A 41 3.79 11.31 -13.90
C GLY A 41 3.61 11.87 -12.51
N ALA A 42 3.77 11.03 -11.51
CA ALA A 42 3.58 11.46 -10.13
C ALA A 42 4.75 11.09 -9.22
N VAL A 43 4.70 11.65 -8.02
CA VAL A 43 5.71 11.40 -7.00
C VAL A 43 5.34 10.11 -6.27
N ALA A 44 6.30 9.19 -6.15
CA ALA A 44 6.05 7.94 -5.44
C ALA A 44 6.20 8.27 -3.96
N THR A 45 7.26 9.02 -3.66
CA THR A 45 7.54 9.46 -2.30
C THR A 45 8.74 10.41 -2.29
N ALA A 46 8.95 11.06 -1.16
CA ALA A 46 10.08 11.99 -1.02
C ALA A 46 10.59 11.92 0.41
N ASN A 47 11.88 12.20 0.61
CA ASN A 47 12.44 12.16 1.95
C ASN A 47 11.98 13.41 2.72
N TYR A 48 12.31 13.49 4.01
CA TYR A 48 11.90 14.61 4.85
C TYR A 48 12.18 15.97 4.24
N GLU A 49 13.43 16.16 3.83
CA GLU A 49 13.87 17.41 3.24
C GLU A 49 12.94 17.98 2.17
N ALA A 50 12.30 17.09 1.39
CA ALA A 50 11.37 17.55 0.35
C ALA A 50 9.93 17.56 0.86
N ARG A 51 9.59 16.59 1.70
CA ARG A 51 8.23 16.49 2.22
C ARG A 51 7.86 17.69 3.10
N LYS A 52 8.85 18.21 3.84
CA LYS A 52 8.66 19.36 4.71
C LYS A 52 7.98 20.50 3.95
N PHE A 53 8.27 20.58 2.66
CA PHE A 53 7.73 21.65 1.82
C PHE A 53 6.50 21.31 1.02
N GLY A 54 5.93 20.14 1.28
CA GLY A 54 4.71 19.76 0.58
C GLY A 54 4.90 18.79 -0.57
N VAL A 55 6.12 18.34 -0.81
CA VAL A 55 6.31 17.38 -1.89
C VAL A 55 6.04 16.00 -1.31
N LYS A 56 4.90 15.43 -1.67
CA LYS A 56 4.56 14.12 -1.13
C LYS A 56 3.97 13.17 -2.15
N ALA A 57 3.87 11.92 -1.73
CA ALA A 57 3.34 10.84 -2.55
C ALA A 57 2.03 11.21 -3.23
N GLY A 58 1.99 11.00 -4.54
CA GLY A 58 0.77 11.27 -5.28
C GLY A 58 0.67 12.56 -6.08
N ILE A 59 1.40 13.60 -5.70
CA ILE A 59 1.30 14.85 -6.45
C ILE A 59 2.07 14.78 -7.76
N PRO A 60 1.65 15.57 -8.75
CA PRO A 60 2.30 15.60 -10.06
C PRO A 60 3.76 16.01 -9.95
N ILE A 61 4.62 15.32 -10.70
CA ILE A 61 6.05 15.63 -10.70
C ILE A 61 6.21 17.11 -11.07
N VAL A 62 5.35 17.58 -11.97
CA VAL A 62 5.39 18.97 -12.40
C VAL A 62 5.18 19.94 -11.23
N GLU A 63 4.26 19.60 -10.33
CA GLU A 63 3.99 20.46 -9.19
C GLU A 63 5.15 20.41 -8.19
N ALA A 64 5.73 19.23 -8.02
CA ALA A 64 6.87 19.09 -7.11
C ALA A 64 7.99 20.02 -7.56
N LYS A 65 8.27 20.00 -8.86
CA LYS A 65 9.33 20.83 -9.42
C LYS A 65 9.09 22.33 -9.25
N LYS A 66 7.82 22.73 -9.18
CA LYS A 66 7.51 24.14 -8.98
C LYS A 66 7.90 24.51 -7.56
N ILE A 67 7.60 23.61 -6.62
CA ILE A 67 7.90 23.80 -5.21
C ILE A 67 9.39 23.75 -4.89
N LEU A 68 10.08 22.70 -5.38
CA LEU A 68 11.51 22.51 -5.14
C LEU A 68 12.24 22.25 -6.46
N PRO A 69 12.44 23.29 -7.27
CA PRO A 69 13.13 23.11 -8.55
C PRO A 69 14.53 22.51 -8.50
N ASN A 70 15.22 22.65 -7.38
CA ASN A 70 16.58 22.13 -7.28
C ASN A 70 16.75 20.82 -6.51
N ALA A 71 15.64 20.14 -6.24
CA ALA A 71 15.71 18.88 -5.52
C ALA A 71 16.23 17.77 -6.44
N VAL A 72 16.62 16.65 -5.85
CA VAL A 72 17.11 15.53 -6.64
C VAL A 72 15.90 14.69 -7.02
N TYR A 73 15.64 14.58 -8.31
CA TYR A 73 14.50 13.80 -8.80
C TYR A 73 15.02 12.49 -9.37
N LEU A 74 14.60 11.39 -8.76
CA LEU A 74 15.07 10.07 -9.19
C LEU A 74 13.96 9.18 -9.68
N PRO A 75 14.23 8.37 -10.70
CA PRO A 75 13.21 7.47 -11.21
C PRO A 75 13.06 6.29 -10.26
N MET A 76 11.84 5.82 -10.12
CA MET A 76 11.54 4.70 -9.24
C MET A 76 12.28 3.45 -9.73
N ARG A 77 12.93 2.76 -8.80
CA ARG A 77 13.66 1.52 -9.09
C ARG A 77 13.05 0.48 -8.14
N LYS A 78 11.79 0.16 -8.38
CA LYS A 78 11.02 -0.78 -7.57
C LYS A 78 11.71 -2.10 -7.28
N GLU A 79 12.41 -2.66 -8.27
CA GLU A 79 13.08 -3.94 -8.10
C GLU A 79 14.14 -3.84 -7.01
N VAL A 80 14.85 -2.72 -6.98
CA VAL A 80 15.87 -2.53 -5.97
C VAL A 80 15.21 -2.45 -4.60
N TYR A 81 14.18 -1.63 -4.47
CA TYR A 81 13.51 -1.47 -3.18
C TYR A 81 12.91 -2.79 -2.70
N GLN A 82 12.37 -3.56 -3.63
CA GLN A 82 11.79 -4.85 -3.28
C GLN A 82 12.84 -5.80 -2.73
N GLN A 83 14.02 -5.84 -3.36
CA GLN A 83 15.06 -6.73 -2.89
C GLN A 83 15.52 -6.32 -1.50
N VAL A 84 15.63 -5.01 -1.27
CA VAL A 84 16.06 -4.53 0.05
C VAL A 84 15.00 -4.85 1.10
N SER A 85 13.74 -4.63 0.73
CA SER A 85 12.63 -4.92 1.63
C SER A 85 12.67 -6.40 2.01
N SER A 86 12.80 -7.27 1.02
CA SER A 86 12.85 -8.72 1.29
C SER A 86 13.90 -9.10 2.33
N ARG A 87 15.08 -8.48 2.27
CA ARG A 87 16.14 -8.78 3.23
C ARG A 87 15.76 -8.32 4.64
N ILE A 88 15.14 -7.15 4.74
CA ILE A 88 14.73 -6.66 6.05
C ILE A 88 13.68 -7.59 6.61
N MET A 89 12.71 -7.98 5.76
CA MET A 89 11.67 -8.88 6.21
C MET A 89 12.28 -10.18 6.76
N ASN A 90 13.35 -10.67 6.14
CA ASN A 90 13.99 -11.89 6.64
C ASN A 90 14.58 -11.67 8.03
N LEU A 91 15.05 -10.47 8.30
CA LEU A 91 15.60 -10.16 9.62
C LEU A 91 14.47 -10.25 10.65
N LEU A 92 13.30 -9.69 10.31
CA LEU A 92 12.16 -9.70 11.20
C LEU A 92 11.63 -11.10 11.55
N ARG A 93 11.74 -12.03 10.61
CA ARG A 93 11.27 -13.40 10.87
C ARG A 93 11.97 -13.99 12.08
N GLU A 94 13.21 -13.56 12.32
CA GLU A 94 14.00 -14.06 13.43
C GLU A 94 13.44 -13.73 14.81
N TYR A 95 12.56 -12.74 14.89
CA TYR A 95 12.00 -12.34 16.17
C TYR A 95 10.64 -12.96 16.50
N SER A 96 10.03 -13.60 15.51
CA SER A 96 8.74 -14.26 15.71
C SER A 96 8.35 -15.06 14.48
N GLU A 97 7.78 -16.24 14.69
CA GLU A 97 7.36 -17.07 13.56
C GLU A 97 5.99 -16.59 13.06
N LYS A 98 5.31 -15.80 13.88
CA LYS A 98 4.01 -15.25 13.51
C LYS A 98 4.23 -13.87 12.93
N ILE A 99 4.40 -13.82 11.61
CA ILE A 99 4.65 -12.55 10.94
C ILE A 99 3.80 -12.33 9.70
N GLU A 100 3.19 -11.14 9.63
CA GLU A 100 2.33 -10.77 8.53
C GLU A 100 2.98 -9.62 7.75
N ILE A 101 3.52 -9.94 6.57
CA ILE A 101 4.13 -8.92 5.72
C ILE A 101 2.96 -8.24 5.00
N ALA A 102 2.64 -7.02 5.41
CA ALA A 102 1.50 -6.27 4.87
C ALA A 102 1.71 -5.48 3.58
N SER A 103 2.94 -5.08 3.30
CA SER A 103 3.22 -4.32 2.09
C SER A 103 4.72 -4.30 1.87
N ILE A 104 5.16 -3.51 0.90
CA ILE A 104 6.57 -3.45 0.61
C ILE A 104 7.41 -2.95 1.77
N ASP A 105 6.79 -2.22 2.71
CA ASP A 105 7.56 -1.72 3.85
C ASP A 105 6.92 -1.84 5.25
N GLU A 106 5.99 -2.78 5.40
CA GLU A 106 5.35 -2.99 6.69
C GLU A 106 5.21 -4.46 7.05
N ALA A 107 5.25 -4.74 8.34
CA ALA A 107 5.10 -6.09 8.83
C ALA A 107 4.60 -6.09 10.27
N TYR A 108 3.70 -7.02 10.57
CA TYR A 108 3.17 -7.16 11.91
C TYR A 108 3.75 -8.43 12.51
N LEU A 109 4.21 -8.34 13.74
CA LEU A 109 4.76 -9.49 14.45
C LEU A 109 3.94 -9.70 15.70
N ASP A 110 3.52 -10.94 15.93
CA ASP A 110 2.77 -11.26 17.14
C ASP A 110 3.86 -11.71 18.10
N ILE A 111 4.24 -10.85 19.03
CA ILE A 111 5.29 -11.20 19.99
C ILE A 111 4.74 -11.56 21.36
N SER A 112 3.49 -12.02 21.39
CA SER A 112 2.84 -12.41 22.64
C SER A 112 3.63 -13.50 23.35
N ASP A 113 4.13 -14.48 22.60
CA ASP A 113 4.90 -15.58 23.19
C ASP A 113 6.37 -15.23 23.36
N LYS A 114 6.78 -14.03 22.96
CA LYS A 114 8.17 -13.63 23.07
C LYS A 114 8.50 -12.69 24.23
N VAL A 115 7.55 -11.85 24.61
CA VAL A 115 7.77 -10.91 25.71
C VAL A 115 6.64 -11.06 26.74
N ARG A 116 6.88 -10.59 27.95
CA ARG A 116 5.89 -10.69 29.02
C ARG A 116 5.01 -9.46 29.17
N ASP A 117 5.56 -8.29 28.86
CA ASP A 117 4.81 -7.04 28.98
C ASP A 117 5.26 -6.01 27.95
N TYR A 118 4.72 -4.80 28.04
CA TYR A 118 5.08 -3.74 27.11
C TYR A 118 6.50 -3.21 27.32
N ARG A 119 7.03 -3.37 28.53
CA ARG A 119 8.40 -2.92 28.79
C ARG A 119 9.33 -3.77 27.95
N GLU A 120 9.12 -5.07 27.98
CA GLU A 120 9.93 -6.00 27.21
C GLU A 120 9.66 -5.82 25.72
N ALA A 121 8.40 -5.60 25.36
CA ALA A 121 8.02 -5.39 23.98
C ALA A 121 8.80 -4.20 23.43
N TYR A 122 8.81 -3.11 24.19
CA TYR A 122 9.52 -1.89 23.82
C TYR A 122 11.00 -2.16 23.60
N ASN A 123 11.61 -2.92 24.50
CA ASN A 123 13.03 -3.24 24.39
C ASN A 123 13.30 -4.07 23.14
N LEU A 124 12.39 -4.99 22.81
CA LEU A 124 12.57 -5.82 21.62
C LEU A 124 12.48 -4.90 20.39
N GLY A 125 11.61 -3.89 20.49
CA GLY A 125 11.46 -2.94 19.40
C GLY A 125 12.76 -2.23 19.12
N LEU A 126 13.46 -1.84 20.18
CA LEU A 126 14.75 -1.16 20.03
C LEU A 126 15.76 -2.12 19.43
N GLU A 127 15.71 -3.38 19.87
CA GLU A 127 16.61 -4.41 19.37
C GLU A 127 16.42 -4.58 17.87
N ILE A 128 15.16 -4.59 17.44
CA ILE A 128 14.82 -4.74 16.03
C ILE A 128 15.28 -3.54 15.21
N LYS A 129 15.07 -2.34 15.74
CA LYS A 129 15.50 -1.13 15.04
C LYS A 129 17.01 -1.12 14.87
N ASN A 130 17.74 -1.49 15.93
CA ASN A 130 19.19 -1.52 15.87
C ASN A 130 19.69 -2.61 14.92
N LYS A 131 19.01 -3.75 14.90
CA LYS A 131 19.42 -4.83 14.01
C LYS A 131 19.27 -4.41 12.55
N ILE A 132 18.17 -3.74 12.22
CA ILE A 132 17.96 -3.31 10.85
C ILE A 132 18.95 -2.20 10.47
N LEU A 133 19.27 -1.34 11.43
CA LEU A 133 20.21 -0.26 11.18
C LEU A 133 21.59 -0.87 10.96
N GLU A 134 21.99 -1.77 11.86
CA GLU A 134 23.29 -2.43 11.76
C GLU A 134 23.48 -3.12 10.40
N LYS A 135 22.52 -3.95 10.02
CA LYS A 135 22.59 -4.72 8.78
C LYS A 135 22.30 -4.00 7.45
N GLU A 136 21.30 -3.13 7.43
CA GLU A 136 20.96 -2.44 6.18
C GLU A 136 21.00 -0.92 6.24
N LYS A 137 21.35 -0.37 7.40
CA LYS A 137 21.43 1.08 7.59
C LYS A 137 20.13 1.79 7.18
N ILE A 138 19.02 1.12 7.45
CA ILE A 138 17.69 1.67 7.16
C ILE A 138 16.97 1.93 8.49
N THR A 139 16.41 3.12 8.65
CA THR A 139 15.68 3.46 9.88
C THR A 139 14.21 3.07 9.69
N VAL A 140 13.56 2.70 10.78
CA VAL A 140 12.15 2.32 10.74
C VAL A 140 11.44 2.82 11.98
N THR A 141 10.13 2.76 11.97
CA THR A 141 9.36 3.18 13.13
C THR A 141 8.62 1.94 13.63
N VAL A 142 8.59 1.78 14.95
CA VAL A 142 7.94 0.65 15.57
C VAL A 142 6.74 1.07 16.39
N GLY A 143 5.61 0.41 16.15
CA GLY A 143 4.40 0.70 16.89
C GLY A 143 4.03 -0.57 17.62
N ILE A 144 3.72 -0.45 18.90
CA ILE A 144 3.35 -1.62 19.71
C ILE A 144 2.04 -1.39 20.45
N SER A 145 1.14 -2.37 20.37
CA SER A 145 -0.13 -2.27 21.08
C SER A 145 -0.76 -3.64 21.24
N LYS A 146 -2.04 -3.66 21.63
CA LYS A 146 -2.75 -4.91 21.87
C LYS A 146 -3.34 -5.56 20.62
N ASN A 147 -3.35 -4.83 19.51
CA ASN A 147 -3.85 -5.38 18.26
C ASN A 147 -3.21 -4.66 17.07
N LYS A 148 -3.44 -5.18 15.86
CA LYS A 148 -2.86 -4.60 14.66
C LYS A 148 -3.21 -3.14 14.38
N VAL A 149 -4.49 -2.80 14.54
CA VAL A 149 -4.93 -1.44 14.29
C VAL A 149 -4.21 -0.43 15.19
N PHE A 150 -4.15 -0.70 16.48
CA PHE A 150 -3.48 0.25 17.37
C PHE A 150 -1.97 0.21 17.28
N ALA A 151 -1.44 -0.92 16.85
CA ALA A 151 0.00 -1.01 16.68
C ALA A 151 0.34 -0.07 15.53
N LYS A 152 -0.47 -0.08 14.48
CA LYS A 152 -0.23 0.80 13.33
C LYS A 152 -0.42 2.27 13.71
N ILE A 153 -1.45 2.55 14.50
CA ILE A 153 -1.70 3.91 14.93
C ILE A 153 -0.51 4.40 15.76
N ALA A 154 0.06 3.51 16.57
CA ALA A 154 1.21 3.87 17.39
C ALA A 154 2.40 4.29 16.54
N ALA A 155 2.63 3.57 15.44
CA ALA A 155 3.73 3.92 14.54
C ALA A 155 3.45 5.27 13.88
N ASP A 156 2.19 5.50 13.51
CA ASP A 156 1.82 6.77 12.89
C ASP A 156 2.16 7.94 13.81
N MET A 157 1.91 7.75 15.10
CA MET A 157 2.18 8.80 16.07
C MET A 157 3.67 8.98 16.32
N ALA A 158 4.46 7.93 16.07
CA ALA A 158 5.89 7.99 16.32
C ALA A 158 6.84 8.25 15.16
N LYS A 159 6.39 8.10 13.91
CA LYS A 159 7.32 8.32 12.81
C LYS A 159 7.81 9.77 12.67
N PRO A 160 9.02 9.95 12.11
CA PRO A 160 9.88 8.87 11.64
C PRO A 160 10.92 8.43 12.67
N ASN A 161 11.56 7.31 12.40
CA ASN A 161 12.59 6.76 13.26
C ASN A 161 12.18 6.82 14.72
N GLY A 162 11.01 6.29 15.02
CA GLY A 162 10.55 6.30 16.39
C GLY A 162 10.14 4.93 16.85
N ILE A 163 9.52 4.91 18.03
CA ILE A 163 9.01 3.69 18.63
C ILE A 163 8.01 4.12 19.69
N LYS A 164 6.84 3.52 19.68
CA LYS A 164 5.83 3.87 20.65
C LYS A 164 4.90 2.75 21.06
N VAL A 165 4.54 2.77 22.34
CA VAL A 165 3.62 1.80 22.89
C VAL A 165 2.32 2.53 23.24
N ILE A 166 1.20 1.94 22.83
CA ILE A 166 -0.11 2.51 23.17
C ILE A 166 -0.63 1.45 24.13
N ASP A 167 -0.51 1.68 25.43
CA ASP A 167 -1.00 0.68 26.36
C ASP A 167 -2.50 0.65 26.46
N ASP A 168 -3.02 -0.25 27.29
CA ASP A 168 -4.46 -0.39 27.47
C ASP A 168 -5.11 0.93 27.87
N GLU A 169 -4.51 1.65 28.80
CA GLU A 169 -5.07 2.92 29.24
C GLU A 169 -5.21 3.88 28.07
N GLU A 170 -4.17 4.01 27.27
CA GLU A 170 -4.20 4.94 26.14
C GLU A 170 -5.14 4.48 25.04
N VAL A 171 -5.35 3.17 24.90
CA VAL A 171 -6.25 2.68 23.87
C VAL A 171 -7.65 3.21 24.17
N LYS A 172 -8.00 3.24 25.46
CA LYS A 172 -9.31 3.74 25.86
C LYS A 172 -9.40 5.23 25.60
N ARG A 173 -8.32 5.96 25.85
CA ARG A 173 -8.32 7.40 25.62
C ARG A 173 -8.51 7.67 24.12
N LEU A 174 -7.75 6.95 23.30
CA LEU A 174 -7.84 7.12 21.86
C LEU A 174 -9.24 6.79 21.33
N ILE A 175 -9.88 5.78 21.88
CA ILE A 175 -11.22 5.44 21.45
C ILE A 175 -12.13 6.66 21.64
N ARG A 176 -11.80 7.46 22.65
CA ARG A 176 -12.56 8.66 22.97
C ARG A 176 -12.11 9.88 22.18
N GLU A 177 -10.79 10.11 22.15
CA GLU A 177 -10.24 11.30 21.53
C GLU A 177 -9.71 11.30 20.10
N LEU A 178 -9.45 10.13 19.52
CA LEU A 178 -8.91 10.09 18.16
C LEU A 178 -9.91 10.40 17.05
N ASP A 179 -9.51 11.29 16.14
CA ASP A 179 -10.35 11.64 15.01
C ASP A 179 -10.55 10.31 14.30
N ILE A 180 -11.81 9.95 14.04
CA ILE A 180 -12.11 8.68 13.41
C ILE A 180 -11.56 8.59 11.99
N ALA A 181 -11.23 9.74 11.41
CA ALA A 181 -10.68 9.76 10.08
C ALA A 181 -9.27 9.20 10.15
N ASP A 182 -8.63 9.28 11.31
CA ASP A 182 -7.27 8.77 11.41
C ASP A 182 -7.19 7.28 11.72
N VAL A 183 -8.33 6.60 11.66
CA VAL A 183 -8.34 5.17 11.93
C VAL A 183 -8.12 4.43 10.61
N PRO A 184 -7.16 3.49 10.58
CA PRO A 184 -6.88 2.74 9.35
C PRO A 184 -8.16 2.23 8.72
N GLY A 185 -8.28 2.40 7.40
CA GLY A 185 -9.47 1.93 6.70
C GLY A 185 -10.52 2.98 6.45
N ILE A 186 -10.36 4.16 7.03
CA ILE A 186 -11.32 5.24 6.83
C ILE A 186 -10.71 6.29 5.92
N GLY A 187 -11.02 6.23 4.63
CA GLY A 187 -10.47 7.20 3.69
C GLY A 187 -11.32 8.45 3.61
N ASN A 188 -11.08 9.29 2.61
CA ASN A 188 -11.84 10.52 2.47
C ASN A 188 -13.33 10.28 2.29
N ILE A 189 -13.68 9.31 1.46
CA ILE A 189 -15.09 9.02 1.21
C ILE A 189 -15.83 8.49 2.43
N THR A 190 -15.23 7.58 3.19
CA THR A 190 -15.89 7.06 4.38
C THR A 190 -15.93 8.13 5.46
N ALA A 191 -14.84 8.89 5.59
CA ALA A 191 -14.75 9.95 6.60
C ALA A 191 -15.85 10.96 6.35
N GLU A 192 -16.22 11.14 5.08
CA GLU A 192 -17.25 12.08 4.70
C GLU A 192 -18.64 11.55 5.04
N LYS A 193 -18.88 10.27 4.77
CA LYS A 193 -20.17 9.68 5.08
C LYS A 193 -20.40 9.67 6.59
N LEU A 194 -19.32 9.50 7.34
CA LEU A 194 -19.37 9.47 8.79
C LEU A 194 -19.71 10.86 9.35
N LYS A 195 -19.06 11.88 8.81
CA LYS A 195 -19.30 13.26 9.24
C LYS A 195 -20.79 13.54 9.08
N LYS A 196 -21.33 13.09 7.96
CA LYS A 196 -22.74 13.25 7.64
C LYS A 196 -23.59 12.70 8.78
N LEU A 197 -22.96 11.92 9.65
CA LEU A 197 -23.66 11.29 10.76
C LEU A 197 -23.37 11.82 12.16
N GLY A 198 -22.44 12.76 12.27
CA GLY A 198 -22.11 13.31 13.57
C GLY A 198 -20.97 12.54 14.20
N ILE A 199 -20.61 11.43 13.56
CA ILE A 199 -19.56 10.55 14.02
C ILE A 199 -18.14 10.99 13.64
N ASN A 200 -17.33 11.42 14.60
CA ASN A 200 -15.93 11.74 14.31
C ASN A 200 -15.00 11.16 15.37
N LYS A 201 -15.55 10.25 16.18
CA LYS A 201 -14.80 9.56 17.23
C LYS A 201 -15.32 8.12 17.23
N LEU A 202 -14.44 7.15 17.41
CA LEU A 202 -14.86 5.75 17.43
C LEU A 202 -16.02 5.54 18.39
N VAL A 203 -15.88 6.13 19.57
CA VAL A 203 -16.88 6.02 20.62
C VAL A 203 -18.29 6.37 20.10
N ASP A 204 -18.38 7.28 19.14
CA ASP A 204 -19.68 7.67 18.59
C ASP A 204 -20.41 6.56 17.82
N THR A 205 -19.70 5.52 17.40
CA THR A 205 -20.33 4.44 16.63
C THR A 205 -21.18 3.48 17.50
N LEU A 206 -20.99 3.53 18.81
CA LEU A 206 -21.73 2.67 19.72
C LEU A 206 -23.17 3.11 19.96
N SER A 207 -23.38 4.42 20.03
CA SER A 207 -24.71 4.96 20.30
C SER A 207 -25.60 5.08 19.05
N ILE A 208 -25.00 5.28 17.89
CA ILE A 208 -25.80 5.39 16.67
C ILE A 208 -26.40 4.03 16.37
N GLU A 209 -27.55 4.02 15.71
CA GLU A 209 -28.21 2.77 15.37
C GLU A 209 -27.38 2.01 14.34
N PHE A 210 -27.11 0.74 14.62
CA PHE A 210 -26.30 -0.08 13.72
C PHE A 210 -26.74 -0.02 12.26
N ASP A 211 -28.03 -0.23 12.01
CA ASP A 211 -28.52 -0.21 10.63
C ASP A 211 -28.31 1.10 9.91
N LYS A 212 -28.29 2.20 10.66
CA LYS A 212 -28.06 3.53 10.08
C LYS A 212 -26.60 3.56 9.62
N LEU A 213 -25.71 3.16 10.52
CA LEU A 213 -24.28 3.13 10.22
C LEU A 213 -24.02 2.22 9.04
N LYS A 214 -24.53 1.00 9.13
CA LYS A 214 -24.37 0.00 8.08
C LYS A 214 -24.85 0.44 6.70
N GLY A 215 -25.96 1.16 6.66
CA GLY A 215 -26.48 1.61 5.38
C GLY A 215 -25.63 2.69 4.73
N MET A 216 -24.91 3.45 5.56
CA MET A 216 -24.07 4.53 5.06
C MET A 216 -22.68 4.07 4.63
N ILE A 217 -22.01 3.30 5.49
CA ILE A 217 -20.65 2.85 5.19
C ILE A 217 -20.54 1.36 4.89
N GLY A 218 -21.64 0.63 4.97
CA GLY A 218 -21.57 -0.79 4.71
C GLY A 218 -21.36 -1.59 5.98
N GLU A 219 -21.90 -2.80 5.99
CA GLU A 219 -21.82 -3.68 7.14
C GLU A 219 -20.41 -4.02 7.67
N ALA A 220 -19.49 -4.34 6.78
CA ALA A 220 -18.12 -4.67 7.21
C ALA A 220 -17.41 -3.54 7.92
N LYS A 221 -17.42 -2.34 7.35
CA LYS A 221 -16.76 -1.20 7.99
C LYS A 221 -17.45 -0.82 9.29
N ALA A 222 -18.77 -0.99 9.34
CA ALA A 222 -19.52 -0.65 10.55
C ALA A 222 -19.10 -1.59 11.69
N LYS A 223 -19.11 -2.89 11.42
CA LYS A 223 -18.73 -3.86 12.43
C LYS A 223 -17.29 -3.68 12.86
N TYR A 224 -16.45 -3.27 11.91
CA TYR A 224 -15.03 -3.02 12.15
C TYR A 224 -14.88 -1.89 13.18
N LEU A 225 -15.46 -0.74 12.87
CA LEU A 225 -15.38 0.41 13.76
C LEU A 225 -15.98 0.12 15.12
N ILE A 226 -17.13 -0.54 15.14
CA ILE A 226 -17.77 -0.86 16.41
C ILE A 226 -16.89 -1.78 17.24
N SER A 227 -16.30 -2.80 16.62
CA SER A 227 -15.44 -3.72 17.37
C SER A 227 -14.29 -2.95 17.99
N LEU A 228 -13.73 -1.98 17.27
CA LEU A 228 -12.62 -1.18 17.79
C LEU A 228 -13.08 -0.31 18.96
N ALA A 229 -14.21 0.36 18.78
CA ALA A 229 -14.77 1.25 19.80
C ALA A 229 -15.09 0.49 21.08
N ARG A 230 -15.47 -0.78 20.96
CA ARG A 230 -15.77 -1.61 22.13
C ARG A 230 -14.50 -2.24 22.68
N ASP A 231 -13.39 -1.98 21.99
CA ASP A 231 -12.10 -2.54 22.39
C ASP A 231 -12.19 -4.07 22.37
N GLU A 232 -12.83 -4.59 21.33
CA GLU A 232 -12.98 -6.03 21.16
C GLU A 232 -12.47 -6.47 19.79
N TYR A 233 -11.70 -5.60 19.15
CA TYR A 233 -11.15 -5.91 17.84
C TYR A 233 -10.13 -7.02 18.03
N ASN A 234 -10.30 -8.10 17.28
CA ASN A 234 -9.36 -9.21 17.33
C ASN A 234 -9.19 -9.82 15.94
N GLU A 235 -7.98 -9.67 15.42
CA GLU A 235 -7.61 -10.19 14.12
C GLU A 235 -6.22 -10.78 14.28
N PRO A 236 -6.08 -12.09 14.09
CA PRO A 236 -4.78 -12.73 14.23
C PRO A 236 -3.77 -12.32 13.16
N ILE A 237 -2.49 -12.38 13.52
CA ILE A 237 -1.42 -12.09 12.57
C ILE A 237 -1.38 -13.33 11.69
N ARG A 238 -1.44 -13.16 10.38
CA ARG A 238 -1.37 -14.34 9.53
C ARG A 238 -0.47 -14.16 8.32
N THR A 239 0.13 -15.27 7.91
CA THR A 239 1.03 -15.28 6.76
C THR A 239 0.27 -14.82 5.54
N ARG A 240 0.79 -13.82 4.84
CA ARG A 240 0.12 -13.34 3.65
C ARG A 240 0.82 -13.91 2.43
N VAL A 241 0.04 -14.16 1.38
CA VAL A 241 0.57 -14.69 0.13
C VAL A 241 -0.05 -13.87 -0.99
N ARG A 242 0.77 -13.47 -1.95
CA ARG A 242 0.28 -12.70 -3.08
C ARG A 242 -0.90 -13.42 -3.70
N LYS A 243 -1.89 -12.65 -4.15
CA LYS A 243 -3.06 -13.24 -4.76
C LYS A 243 -3.21 -12.76 -6.20
N SER A 244 -2.56 -11.65 -6.52
CA SER A 244 -2.62 -11.11 -7.88
C SER A 244 -1.36 -10.34 -8.25
N ILE A 245 -1.03 -10.40 -9.53
CA ILE A 245 0.13 -9.72 -10.09
C ILE A 245 -0.30 -9.11 -11.42
N GLY A 246 0.09 -7.88 -11.66
CA GLY A 246 -0.31 -7.25 -12.91
C GLY A 246 0.53 -6.05 -13.29
N ARG A 247 0.24 -5.51 -14.46
CA ARG A 247 0.96 -4.34 -14.97
C ARG A 247 0.01 -3.54 -15.82
N ILE A 248 0.08 -2.22 -15.68
CA ILE A 248 -0.77 -1.32 -16.44
C ILE A 248 0.15 -0.24 -16.98
N VAL A 249 -0.04 0.13 -18.25
CA VAL A 249 0.80 1.14 -18.88
C VAL A 249 -0.03 2.27 -19.48
N THR A 250 0.52 3.48 -19.47
CA THR A 250 -0.15 4.63 -20.04
C THR A 250 0.20 4.70 -21.52
N MET A 251 -0.80 4.92 -22.36
CA MET A 251 -0.55 5.01 -23.79
C MET A 251 -0.15 6.43 -24.18
N LYS A 252 0.65 6.54 -25.22
CA LYS A 252 1.11 7.84 -25.71
C LYS A 252 -0.08 8.77 -25.88
N ARG A 253 -1.15 8.26 -26.46
CA ARG A 253 -2.37 9.04 -26.66
C ARG A 253 -3.58 8.14 -26.47
N ASN A 254 -4.70 8.73 -26.06
CA ASN A 254 -5.92 7.97 -25.84
C ASN A 254 -6.39 7.33 -27.13
N SER A 255 -7.11 6.22 -27.01
CA SER A 255 -7.58 5.50 -28.19
C SER A 255 -8.53 4.35 -27.89
N ARG A 256 -9.30 3.97 -28.90
CA ARG A 256 -10.21 2.83 -28.78
C ARG A 256 -10.06 2.02 -30.06
N ASN A 257 -8.86 2.12 -30.64
CA ASN A 257 -8.50 1.40 -31.85
C ASN A 257 -7.73 0.15 -31.37
N LEU A 258 -8.32 -1.02 -31.59
CA LEU A 258 -7.74 -2.28 -31.16
C LEU A 258 -6.29 -2.50 -31.57
N GLU A 259 -5.97 -2.27 -32.84
CA GLU A 259 -4.61 -2.45 -33.32
C GLU A 259 -3.63 -1.49 -32.69
N GLU A 260 -4.10 -0.28 -32.38
CA GLU A 260 -3.25 0.72 -31.75
C GLU A 260 -3.05 0.41 -30.27
N ILE A 261 -4.02 -0.27 -29.66
CA ILE A 261 -3.95 -0.61 -28.25
C ILE A 261 -3.16 -1.90 -27.97
N LYS A 262 -3.23 -2.86 -28.88
CA LYS A 262 -2.55 -4.14 -28.70
C LYS A 262 -1.10 -4.15 -28.25
N PRO A 263 -0.22 -3.35 -28.89
CA PRO A 263 1.18 -3.35 -28.46
C PRO A 263 1.37 -3.07 -26.97
N TYR A 264 0.58 -2.14 -26.45
CA TYR A 264 0.63 -1.78 -25.03
C TYR A 264 0.13 -2.96 -24.18
N LEU A 265 -1.00 -3.53 -24.60
CA LEU A 265 -1.57 -4.65 -23.89
C LEU A 265 -0.57 -5.79 -23.86
N PHE A 266 0.04 -6.08 -25.01
CA PHE A 266 1.01 -7.16 -25.08
C PHE A 266 2.23 -6.85 -24.21
N ARG A 267 2.70 -5.61 -24.23
CA ARG A 267 3.85 -5.25 -23.41
C ARG A 267 3.50 -5.48 -21.94
N ALA A 268 2.28 -5.12 -21.56
CA ALA A 268 1.82 -5.29 -20.18
C ALA A 268 1.81 -6.77 -19.81
N ILE A 269 1.42 -7.61 -20.75
CA ILE A 269 1.39 -9.05 -20.51
C ILE A 269 2.81 -9.60 -20.31
N GLU A 270 3.73 -9.18 -21.17
CA GLU A 270 5.10 -9.64 -21.08
C GLU A 270 5.71 -9.31 -19.71
N GLU A 271 5.53 -8.07 -19.27
CA GLU A 271 6.08 -7.66 -17.99
C GLU A 271 5.40 -8.39 -16.83
N SER A 272 4.09 -8.62 -16.95
CA SER A 272 3.36 -9.32 -15.90
C SER A 272 3.93 -10.74 -15.73
N TYR A 273 4.19 -11.42 -16.84
CA TYR A 273 4.73 -12.79 -16.78
C TYR A 273 6.11 -12.80 -16.16
N TYR A 274 6.88 -11.74 -16.41
CA TYR A 274 8.22 -11.60 -15.83
C TYR A 274 8.04 -11.64 -14.32
N LYS A 275 7.10 -10.84 -13.83
CA LYS A 275 6.81 -10.74 -12.39
C LYS A 275 6.22 -12.01 -11.78
N LEU A 276 5.41 -12.74 -12.54
CA LEU A 276 4.82 -13.98 -12.02
C LEU A 276 5.89 -14.95 -11.56
N ASP A 277 6.94 -15.06 -12.36
CA ASP A 277 8.08 -15.93 -12.05
C ASP A 277 7.70 -17.25 -11.37
N LYS A 278 7.32 -18.24 -12.18
CA LYS A 278 6.94 -19.57 -11.70
C LYS A 278 5.50 -19.72 -11.22
N ARG A 279 4.87 -18.64 -10.77
CA ARG A 279 3.48 -18.73 -10.35
C ARG A 279 2.62 -18.87 -11.60
N ILE A 280 1.70 -19.82 -11.60
CA ILE A 280 0.84 -20.04 -12.75
C ILE A 280 -0.59 -19.59 -12.43
N PRO A 281 -1.06 -18.54 -13.11
CA PRO A 281 -2.41 -18.02 -12.89
C PRO A 281 -3.50 -18.77 -13.66
N LYS A 282 -4.68 -18.86 -13.07
CA LYS A 282 -5.81 -19.51 -13.72
C LYS A 282 -6.81 -18.46 -14.16
N ALA A 283 -6.58 -17.21 -13.74
CA ALA A 283 -7.47 -16.11 -14.10
C ALA A 283 -6.71 -14.92 -14.67
N ILE A 284 -7.30 -14.29 -15.68
CA ILE A 284 -6.73 -13.13 -16.31
C ILE A 284 -7.78 -12.05 -16.45
N HIS A 285 -7.41 -10.80 -16.17
CA HIS A 285 -8.31 -9.67 -16.29
C HIS A 285 -7.63 -8.58 -17.08
N VAL A 286 -8.35 -8.02 -18.05
CA VAL A 286 -7.83 -6.91 -18.81
C VAL A 286 -8.43 -5.71 -18.10
N VAL A 287 -7.58 -4.74 -17.78
CA VAL A 287 -8.02 -3.56 -17.08
C VAL A 287 -7.72 -2.33 -17.92
N ALA A 288 -8.70 -1.46 -18.03
CA ALA A 288 -8.56 -0.23 -18.80
C ALA A 288 -8.99 0.97 -17.97
N VAL A 289 -8.26 2.07 -18.09
CA VAL A 289 -8.60 3.30 -17.40
C VAL A 289 -9.01 4.21 -18.55
N THR A 290 -10.26 4.66 -18.53
CA THR A 290 -10.79 5.50 -19.58
C THR A 290 -10.25 6.94 -19.56
N GLU A 291 -10.53 7.67 -20.64
CA GLU A 291 -10.09 9.05 -20.76
C GLU A 291 -10.52 9.88 -19.56
N ASP A 292 -11.73 9.66 -19.09
CA ASP A 292 -12.25 10.40 -17.93
C ASP A 292 -11.77 9.78 -16.62
N LEU A 293 -10.74 8.95 -16.74
CA LEU A 293 -10.09 8.30 -15.60
C LEU A 293 -10.82 7.18 -14.84
N ASP A 294 -11.91 6.66 -15.39
CA ASP A 294 -12.61 5.57 -14.71
C ASP A 294 -11.89 4.25 -15.00
N ILE A 295 -12.18 3.23 -14.22
CA ILE A 295 -11.54 1.94 -14.41
C ILE A 295 -12.56 0.86 -14.79
N VAL A 296 -12.30 0.19 -15.91
CA VAL A 296 -13.18 -0.86 -16.40
C VAL A 296 -12.37 -2.15 -16.54
N SER A 297 -12.96 -3.29 -16.24
CA SER A 297 -12.23 -4.55 -16.35
C SER A 297 -13.14 -5.70 -16.79
N ARG A 298 -12.53 -6.66 -17.49
CA ARG A 298 -13.23 -7.84 -17.97
C ARG A 298 -12.24 -8.99 -17.78
N GLY A 299 -12.68 -10.05 -17.12
CA GLY A 299 -11.78 -11.17 -16.89
C GLY A 299 -12.32 -12.53 -17.28
N ARG A 300 -11.47 -13.53 -17.16
CA ARG A 300 -11.87 -14.90 -17.45
C ARG A 300 -11.07 -15.84 -16.58
N THR A 301 -11.74 -16.85 -16.04
CA THR A 301 -11.07 -17.85 -15.20
C THR A 301 -11.09 -19.18 -15.96
N PHE A 302 -9.93 -19.83 -16.02
CA PHE A 302 -9.81 -21.11 -16.73
C PHE A 302 -9.69 -22.24 -15.72
N PRO A 303 -10.08 -23.47 -16.12
CA PRO A 303 -9.97 -24.61 -15.20
C PRO A 303 -8.52 -25.10 -15.15
N HIS A 304 -7.63 -24.35 -15.80
CA HIS A 304 -6.20 -24.72 -15.84
C HIS A 304 -5.32 -23.47 -15.85
N GLY A 305 -4.01 -23.69 -15.83
CA GLY A 305 -3.06 -22.58 -15.85
C GLY A 305 -3.09 -21.86 -17.19
N ILE A 306 -2.75 -20.57 -17.17
CA ILE A 306 -2.74 -19.78 -18.39
C ILE A 306 -1.35 -19.59 -18.96
N SER A 307 -1.11 -20.17 -20.14
CA SER A 307 0.17 -20.05 -20.81
C SER A 307 0.25 -18.65 -21.38
N LYS A 308 1.46 -18.15 -21.64
CA LYS A 308 1.58 -16.80 -22.17
C LYS A 308 0.85 -16.67 -23.51
N GLU A 309 0.83 -17.74 -24.30
CA GLU A 309 0.11 -17.67 -25.58
C GLU A 309 -1.38 -17.53 -25.33
N THR A 310 -1.89 -18.23 -24.31
CA THR A 310 -3.31 -18.13 -23.99
C THR A 310 -3.61 -16.73 -23.42
N ALA A 311 -2.66 -16.16 -22.68
CA ALA A 311 -2.85 -14.83 -22.12
C ALA A 311 -3.00 -13.82 -23.28
N TYR A 312 -2.15 -13.95 -24.29
CA TYR A 312 -2.17 -13.07 -25.45
C TYR A 312 -3.52 -13.13 -26.19
N SER A 313 -3.98 -14.33 -26.53
CA SER A 313 -5.24 -14.46 -27.26
C SER A 313 -6.45 -14.09 -26.41
N GLU A 314 -6.48 -14.51 -25.16
CA GLU A 314 -7.63 -14.17 -24.34
C GLU A 314 -7.68 -12.67 -24.03
N SER A 315 -6.53 -12.03 -23.84
CA SER A 315 -6.53 -10.60 -23.52
C SER A 315 -7.20 -9.80 -24.63
N VAL A 316 -6.98 -10.18 -25.89
CA VAL A 316 -7.59 -9.47 -27.00
C VAL A 316 -9.11 -9.59 -26.96
N LYS A 317 -9.63 -10.79 -26.71
CA LYS A 317 -11.07 -10.99 -26.62
C LYS A 317 -11.68 -10.14 -25.51
N LEU A 318 -11.01 -10.12 -24.35
CA LEU A 318 -11.48 -9.34 -23.22
C LEU A 318 -11.45 -7.83 -23.53
N LEU A 319 -10.38 -7.38 -24.18
CA LEU A 319 -10.27 -5.97 -24.53
C LEU A 319 -11.39 -5.65 -25.51
N GLN A 320 -11.65 -6.57 -26.44
CA GLN A 320 -12.71 -6.38 -27.40
C GLN A 320 -14.04 -6.21 -26.68
N LYS A 321 -14.24 -7.03 -25.63
CA LYS A 321 -15.47 -6.95 -24.85
C LYS A 321 -15.60 -5.57 -24.25
N ILE A 322 -14.49 -5.03 -23.73
CA ILE A 322 -14.48 -3.71 -23.14
C ILE A 322 -14.87 -2.64 -24.17
N LEU A 323 -14.29 -2.75 -25.36
CA LEU A 323 -14.58 -1.82 -26.45
C LEU A 323 -16.02 -1.95 -26.96
N GLU A 324 -16.53 -3.18 -26.99
CA GLU A 324 -17.89 -3.43 -27.45
C GLU A 324 -18.94 -2.98 -26.44
N GLU A 325 -18.54 -2.91 -25.17
CA GLU A 325 -19.47 -2.55 -24.10
C GLU A 325 -19.31 -1.15 -23.50
N ASP A 326 -18.15 -0.54 -23.68
CA ASP A 326 -17.91 0.80 -23.15
C ASP A 326 -17.61 1.72 -24.34
N GLU A 327 -18.20 2.91 -24.35
CA GLU A 327 -18.03 3.85 -25.45
C GLU A 327 -16.86 4.82 -25.32
N ARG A 328 -16.33 4.96 -24.10
CA ARG A 328 -15.22 5.88 -23.87
C ARG A 328 -13.88 5.43 -24.42
N LYS A 329 -12.97 6.39 -24.57
CA LYS A 329 -11.62 6.12 -25.07
C LYS A 329 -10.77 5.63 -23.91
N ILE A 330 -9.70 4.91 -24.24
CA ILE A 330 -8.82 4.38 -23.22
C ILE A 330 -7.51 5.15 -23.08
N ARG A 331 -7.12 5.39 -21.84
CA ARG A 331 -5.91 6.14 -21.51
C ARG A 331 -4.77 5.21 -21.12
N ARG A 332 -5.08 4.25 -20.27
CA ARG A 332 -4.11 3.28 -19.80
C ARG A 332 -4.66 1.88 -20.05
N ILE A 333 -3.79 0.91 -20.26
CA ILE A 333 -4.26 -0.44 -20.54
C ILE A 333 -3.33 -1.45 -19.90
N GLY A 334 -3.92 -2.50 -19.34
CA GLY A 334 -3.09 -3.50 -18.69
C GLY A 334 -3.82 -4.78 -18.41
N VAL A 335 -3.13 -5.64 -17.67
CA VAL A 335 -3.66 -6.93 -17.31
C VAL A 335 -3.36 -7.25 -15.85
N ARG A 336 -4.13 -8.18 -15.30
CA ARG A 336 -3.94 -8.60 -13.93
C ARG A 336 -4.18 -10.10 -13.88
N PHE A 337 -3.24 -10.83 -13.30
CA PHE A 337 -3.35 -12.28 -13.19
C PHE A 337 -3.63 -12.68 -11.74
N SER A 338 -4.45 -13.72 -11.55
CA SER A 338 -4.77 -14.18 -10.20
C SER A 338 -5.11 -15.66 -10.18
N LYS A 339 -5.61 -16.13 -9.03
CA LYS A 339 -5.97 -17.53 -8.82
C LYS A 339 -4.81 -18.43 -9.23
N PHE A 340 -3.69 -18.25 -8.54
CA PHE A 340 -2.48 -19.02 -8.82
C PHE A 340 -2.66 -20.48 -8.44
N ILE A 341 -2.04 -21.36 -9.21
CA ILE A 341 -2.15 -22.78 -8.92
C ILE A 341 -1.43 -23.07 -7.60
CA CA D . 2.27 2.54 6.64
CA CA E . -7.99 8.75 6.83
CA CA F . 6.96 3.84 5.43
N1 CTP G . 4.23 4.70 -2.14
C2 CTP G . 3.80 4.94 -3.45
N3 CTP G . 2.64 5.60 -3.70
C4 CTP G . 1.85 6.07 -2.69
C5 CTP G . 2.18 5.88 -1.29
C6 CTP G . 3.40 5.19 -1.08
O2 CTP G . 4.46 4.55 -4.48
N4 CTP G . 0.75 6.71 -3.10
C1' CTP G . 5.53 4.01 -1.94
C2' CTP G . 6.66 4.95 -1.59
C3' CTP G . 7.16 4.52 -0.23
C4' CTP G . 6.42 3.17 0.17
O4' CTP G . 5.40 3.05 -0.89
O3' CTP G . 8.59 4.35 -0.09
C5' CTP G . 6.07 3.57 1.57
O5' CTP G . 4.76 3.93 1.90
PA CTP G . 4.70 5.18 2.83
O1A CTP G . 4.83 4.64 4.26
O2A CTP G . 3.33 5.85 2.59
O3A CTP G . 5.85 6.13 2.36
PB CTP G . 7.10 6.56 3.22
O1B CTP G . 7.89 7.38 2.14
O2B CTP G . 7.96 5.35 3.72
O3B CTP G . 6.72 7.61 4.33
PG CTP G . 7.13 7.64 5.87
O1G CTP G . 6.72 6.29 6.56
O2G CTP G . 6.35 8.87 6.42
O3G CTP G . 8.63 7.89 6.09
PT1 CPT H . -2.64 6.68 -8.61
PT1 CPT H . -2.13 8.84 -7.68
N1 CPT H . -4.43 5.81 -8.55
N1 CPT H . -3.89 9.16 -6.71
N2 CPT H . -3.48 8.45 -8.27
N2 CPT H . -1.66 10.75 -7.46
#